data_3L3B
#
_entry.id   3L3B
#
_cell.length_a   48.210
_cell.length_b   69.220
_cell.length_c   242.050
_cell.angle_alpha   90.00
_cell.angle_beta   90.00
_cell.angle_gamma   90.00
#
_symmetry.space_group_name_H-M   'C 2 2 21'
#
loop_
_entity.id
_entity.type
_entity.pdbx_description
1 polymer 'Es1 family protein'
2 water water
#
_entity_poly.entity_id   1
_entity_poly.type   'polypeptide(L)'
_entity_poly.pdbx_seq_one_letter_code
;MAHHHHHHMGTLEAQTQGPGSMALNSAVILAGCGHMDGSEIREAVLVMLELDRHNVNFKCFAPNKNQKQVVDHKKKESVG
EVRNILVESARIARGSVYDIEQIRVEEFDMLVIPGGYGVAKNFSNLFDEDKENDYILPEFKNAVREFYNAKKPIGAVCIS
PAVVVALLKDIAKVKVTIGEDSNGLIDKMGGVHVDCPTIKSVKDDVNRIFSCSAYMRNDSLYNVYLGIQDMISSMVNYLK
SK
;
_entity_poly.pdbx_strand_id   A,B
#
# COMPACT_ATOMS: atom_id res chain seq x y z
N LEU A 24 -13.55 -19.92 1.35
CA LEU A 24 -13.32 -18.98 2.49
C LEU A 24 -13.44 -17.49 2.15
N ASN A 25 -14.10 -16.77 3.06
CA ASN A 25 -14.30 -15.32 2.95
C ASN A 25 -13.87 -14.57 4.20
N SER A 26 -13.10 -13.51 4.03
CA SER A 26 -12.66 -12.69 5.14
C SER A 26 -13.17 -11.28 5.00
N ALA A 27 -13.63 -10.67 6.09
CA ALA A 27 -13.84 -9.23 6.08
C ALA A 27 -12.52 -8.58 6.40
N VAL A 28 -12.31 -7.38 5.88
CA VAL A 28 -11.13 -6.53 6.21
C VAL A 28 -11.65 -5.14 6.60
N ILE A 29 -11.29 -4.65 7.76
CA ILE A 29 -11.72 -3.34 8.19
C ILE A 29 -10.58 -2.34 8.11
N LEU A 30 -10.92 -1.19 7.55
CA LEU A 30 -10.01 -0.12 7.22
C LEU A 30 -10.46 1.16 7.87
N ALA A 31 -9.50 2.02 8.19
CA ALA A 31 -9.75 3.23 8.95
C ALA A 31 -9.30 4.51 8.27
N GLY A 32 -9.05 4.45 6.95
CA GLY A 32 -8.48 5.58 6.23
C GLY A 32 -7.29 5.08 5.40
N CYS A 33 -6.43 6.01 5.00
CA CYS A 33 -5.30 5.64 4.13
C CYS A 33 -4.01 6.37 4.52
N GLY A 34 -3.27 5.82 5.50
CA GLY A 34 -2.05 6.42 6.03
C GLY A 34 -1.88 6.07 7.48
N HIS A 35 -0.65 5.82 7.88
CA HIS A 35 -0.39 5.24 9.18
C HIS A 35 -0.64 6.21 10.35
N MET A 36 -0.60 7.52 10.10
CA MET A 36 -0.81 8.49 11.17
C MET A 36 -2.25 8.96 11.32
N ASP A 37 -3.08 8.80 10.28
CA ASP A 37 -4.51 9.18 10.39
C ASP A 37 -5.56 8.18 9.81
N GLY A 38 -5.14 6.97 9.47
CA GLY A 38 -5.97 5.96 8.80
C GLY A 38 -5.41 4.58 9.05
N SER A 39 -5.55 3.73 8.07
CA SER A 39 -4.95 2.40 8.11
C SER A 39 -3.50 2.46 7.63
N GLU A 40 -2.67 1.56 8.20
CA GLU A 40 -1.30 1.44 7.78
C GLU A 40 -1.36 0.80 6.40
N ILE A 41 -0.85 1.50 5.40
CA ILE A 41 -1.05 1.10 4.01
C ILE A 41 -0.32 -0.21 3.70
N ARG A 42 0.93 -0.34 4.18
CA ARG A 42 1.66 -1.58 3.93
C ARG A 42 0.99 -2.80 4.56
N GLU A 43 0.53 -2.63 5.80
CA GLU A 43 -0.12 -3.73 6.52
C GLU A 43 -1.36 -4.15 5.80
N ALA A 44 -2.13 -3.18 5.31
CA ALA A 44 -3.38 -3.50 4.64
C ALA A 44 -3.08 -4.23 3.33
N VAL A 45 -2.14 -3.72 2.52
CA VAL A 45 -1.79 -4.39 1.25
C VAL A 45 -1.23 -5.81 1.44
N LEU A 46 -0.41 -5.98 2.48
CA LEU A 46 0.26 -7.28 2.75
C LEU A 46 -0.75 -8.27 3.27
N VAL A 47 -1.72 -7.82 4.09
CA VAL A 47 -2.84 -8.67 4.48
C VAL A 47 -3.61 -9.14 3.26
N MET A 48 -3.89 -8.23 2.33
CA MET A 48 -4.70 -8.56 1.16
C MET A 48 -3.97 -9.56 0.27
N LEU A 49 -2.65 -9.40 0.21
CA LEU A 49 -1.78 -10.24 -0.64
C LEU A 49 -1.83 -11.66 -0.11
N GLU A 50 -1.74 -11.79 1.21
CA GLU A 50 -1.74 -13.10 1.84
C GLU A 50 -3.12 -13.79 1.81
N LEU A 51 -4.19 -13.04 2.00
CA LEU A 51 -5.52 -13.61 1.77
C LEU A 51 -5.60 -14.17 0.34
N ASP A 52 -5.28 -13.35 -0.64
CA ASP A 52 -5.25 -13.80 -2.06
C ASP A 52 -4.34 -15.02 -2.25
N ARG A 53 -3.14 -14.96 -1.66
CA ARG A 53 -2.22 -16.10 -1.65
C ARG A 53 -2.87 -17.43 -1.23
N HIS A 54 -3.70 -17.36 -0.20
CA HIS A 54 -4.38 -18.52 0.35
C HIS A 54 -5.77 -18.72 -0.25
N ASN A 55 -6.06 -18.03 -1.35
CA ASN A 55 -7.37 -18.13 -2.01
C ASN A 55 -8.49 -17.92 -1.02
N VAL A 56 -8.35 -16.90 -0.17
CA VAL A 56 -9.45 -16.41 0.65
C VAL A 56 -9.97 -15.11 -0.01
N ASN A 57 -11.25 -15.10 -0.40
CA ASN A 57 -11.90 -13.88 -0.88
C ASN A 57 -12.09 -12.91 0.26
N PHE A 58 -12.05 -11.62 -0.05
CA PHE A 58 -12.26 -10.64 0.99
C PHE A 58 -13.07 -9.46 0.51
N LYS A 59 -13.67 -8.75 1.47
CA LYS A 59 -14.37 -7.52 1.22
C LYS A 59 -13.87 -6.57 2.25
N CYS A 60 -13.67 -5.34 1.82
CA CYS A 60 -13.26 -4.28 2.71
C CYS A 60 -14.43 -3.42 3.19
N PHE A 61 -14.35 -2.99 4.45
CA PHE A 61 -15.38 -2.17 5.13
C PHE A 61 -14.72 -1.05 5.92
N ALA A 62 -15.41 0.07 5.97
CA ALA A 62 -15.00 1.23 6.74
C ALA A 62 -16.24 1.95 7.16
N PRO A 63 -16.18 2.67 8.29
CA PRO A 63 -17.29 3.57 8.61
C PRO A 63 -17.33 4.88 7.79
N ASN A 64 -18.55 5.33 7.51
CA ASN A 64 -18.81 6.53 6.77
C ASN A 64 -18.88 7.69 7.74
N LYS A 65 -17.71 8.15 8.17
CA LYS A 65 -17.60 9.25 9.12
C LYS A 65 -16.29 9.94 8.88
N ASN A 66 -16.17 11.19 9.31
CA ASN A 66 -14.89 11.89 9.10
C ASN A 66 -13.79 11.36 10.03
N GLN A 67 -12.55 11.36 9.57
CA GLN A 67 -11.41 11.05 10.44
C GLN A 67 -11.37 12.09 11.55
N LYS A 68 -10.83 11.74 12.70
CA LYS A 68 -10.67 12.71 13.79
C LYS A 68 -9.71 13.79 13.49
N GLN A 69 -8.61 13.41 12.82
CA GLN A 69 -7.58 14.29 12.34
C GLN A 69 -7.25 13.95 10.89
N VAL A 70 -6.66 14.89 10.19
CA VAL A 70 -5.95 14.64 8.97
C VAL A 70 -4.52 15.02 9.23
N VAL A 71 -3.58 14.12 8.93
CA VAL A 71 -2.19 14.36 9.26
C VAL A 71 -1.41 14.46 7.97
N ASP A 72 -0.71 15.60 7.80
CA ASP A 72 0.33 15.76 6.82
C ASP A 72 1.48 14.84 7.16
N HIS A 73 1.67 13.80 6.35
CA HIS A 73 2.63 12.73 6.64
C HIS A 73 4.07 13.14 6.35
N LYS A 74 4.26 14.28 5.69
CA LYS A 74 5.59 14.80 5.39
C LYS A 74 6.12 15.68 6.53
N LYS A 75 5.34 16.69 6.93
CA LYS A 75 5.67 17.51 8.13
C LYS A 75 5.39 16.78 9.44
N LYS A 76 4.52 15.78 9.41
CA LYS A 76 4.10 15.01 10.60
C LYS A 76 3.29 15.85 11.61
N GLU A 77 2.37 16.67 11.10
CA GLU A 77 1.50 17.45 11.96
C GLU A 77 0.08 17.36 11.46
N SER A 78 -0.88 17.35 12.38
CA SER A 78 -2.28 17.45 12.02
C SER A 78 -2.41 18.78 11.27
N VAL A 79 -3.35 18.82 10.32
CA VAL A 79 -3.61 20.04 9.53
C VAL A 79 -5.11 20.25 9.48
N GLY A 80 -5.50 21.45 9.06
CA GLY A 80 -6.93 21.85 9.14
C GLY A 80 -7.63 21.51 7.83
N GLU A 81 -7.80 20.20 7.61
CA GLU A 81 -8.52 19.66 6.47
C GLU A 81 -9.47 18.62 7.02
N VAL A 82 -10.50 18.28 6.26
CA VAL A 82 -11.46 17.29 6.68
C VAL A 82 -11.48 16.18 5.65
N ARG A 83 -11.29 14.93 6.10
CA ARG A 83 -11.36 13.78 5.19
C ARG A 83 -12.29 12.69 5.73
N ASN A 84 -12.97 12.02 4.80
CA ASN A 84 -13.89 10.93 5.16
C ASN A 84 -13.21 9.56 5.18
N ILE A 85 -13.42 8.80 6.26
CA ILE A 85 -12.75 7.53 6.47
C ILE A 85 -12.95 6.55 5.32
N LEU A 86 -14.18 6.41 4.89
CA LEU A 86 -14.57 5.44 3.89
C LEU A 86 -14.07 5.85 2.52
N VAL A 87 -14.10 7.15 2.23
CA VAL A 87 -13.61 7.64 0.93
C VAL A 87 -12.11 7.42 0.86
N GLU A 88 -11.40 7.71 1.95
CA GLU A 88 -9.95 7.48 1.90
C GLU A 88 -9.57 6.01 1.92
N SER A 89 -10.33 5.20 2.65
CA SER A 89 -10.14 3.72 2.64
C SER A 89 -10.29 3.14 1.25
N ALA A 90 -11.06 3.83 0.40
CA ALA A 90 -11.31 3.33 -0.97
C ALA A 90 -10.02 3.36 -1.80
N ARG A 91 -9.04 4.16 -1.37
CA ARG A 91 -7.74 4.20 -2.06
C ARG A 91 -7.03 2.87 -1.89
N ILE A 92 -6.98 2.37 -0.66
CA ILE A 92 -6.39 1.06 -0.38
C ILE A 92 -7.15 -0.06 -1.09
N ALA A 93 -8.47 0.06 -1.13
CA ALA A 93 -9.31 -1.00 -1.67
C ALA A 93 -9.55 -0.91 -3.16
N ARG A 94 -8.89 0.03 -3.84
CA ARG A 94 -9.14 0.26 -5.27
C ARG A 94 -10.63 0.42 -5.54
N GLY A 95 -11.35 1.11 -4.65
CA GLY A 95 -12.79 1.36 -4.88
C GLY A 95 -13.72 0.40 -4.17
N SER A 96 -13.29 -0.84 -3.93
CA SER A 96 -14.18 -1.85 -3.36
C SER A 96 -14.14 -1.85 -1.85
N VAL A 97 -14.73 -0.82 -1.25
CA VAL A 97 -14.87 -0.71 0.19
C VAL A 97 -16.32 -0.31 0.44
N TYR A 98 -16.90 -0.86 1.50
CA TYR A 98 -18.33 -0.71 1.77
C TYR A 98 -18.51 -0.18 3.18
N ASP A 99 -19.61 0.53 3.40
CA ASP A 99 -19.97 1.03 4.69
C ASP A 99 -20.06 -0.17 5.64
N ILE A 100 -19.34 -0.08 6.75
CA ILE A 100 -19.29 -1.14 7.77
C ILE A 100 -20.67 -1.42 8.36
N GLU A 101 -21.58 -0.46 8.29
CA GLU A 101 -22.95 -0.67 8.84
C GLU A 101 -23.65 -1.76 8.02
N GLN A 102 -23.24 -1.95 6.76
CA GLN A 102 -23.78 -3.01 5.90
C GLN A 102 -23.13 -4.40 6.05
N ILE A 103 -22.16 -4.56 6.94
CA ILE A 103 -21.49 -5.88 7.05
C ILE A 103 -22.49 -6.99 7.43
N ARG A 104 -22.53 -8.07 6.64
CA ARG A 104 -23.25 -9.28 7.03
C ARG A 104 -22.25 -10.35 7.55
N VAL A 105 -22.05 -10.40 8.87
CA VAL A 105 -21.05 -11.29 9.48
C VAL A 105 -21.21 -12.75 9.10
N GLU A 106 -22.44 -13.17 8.84
CA GLU A 106 -22.71 -14.57 8.50
C GLU A 106 -22.15 -14.96 7.12
N GLU A 107 -21.84 -13.95 6.30
CA GLU A 107 -21.22 -14.22 4.99
C GLU A 107 -19.70 -14.41 5.03
N PHE A 108 -19.08 -14.30 6.23
CA PHE A 108 -17.62 -14.36 6.38
C PHE A 108 -17.17 -15.46 7.36
N ASP A 109 -16.00 -16.03 7.10
CA ASP A 109 -15.37 -17.02 8.00
C ASP A 109 -14.39 -16.44 9.05
N MET A 110 -13.96 -15.20 8.80
CA MET A 110 -12.94 -14.54 9.60
C MET A 110 -12.90 -13.04 9.28
N LEU A 111 -12.19 -12.31 10.13
CA LEU A 111 -12.05 -10.87 10.05
C LEU A 111 -10.57 -10.56 10.30
N VAL A 112 -10.03 -9.62 9.52
CA VAL A 112 -8.68 -9.08 9.77
C VAL A 112 -8.77 -7.56 9.83
N ILE A 113 -8.05 -6.98 10.79
CA ILE A 113 -8.04 -5.55 11.01
C ILE A 113 -6.58 -5.12 10.92
N PRO A 114 -6.16 -4.53 9.79
CA PRO A 114 -4.80 -3.97 9.69
C PRO A 114 -4.61 -2.86 10.72
N GLY A 115 -3.38 -2.47 11.02
CA GLY A 115 -3.19 -1.41 12.02
C GLY A 115 -3.18 -0.04 11.35
N GLY A 116 -2.48 0.90 11.95
CA GLY A 116 -2.66 2.29 11.64
C GLY A 116 -3.17 3.07 12.84
N TYR A 117 -2.61 4.24 13.07
CA TYR A 117 -3.01 5.08 14.18
C TYR A 117 -4.49 5.49 14.02
N GLY A 118 -4.97 5.52 12.78
CA GLY A 118 -6.41 5.77 12.55
C GLY A 118 -7.33 4.74 13.16
N VAL A 119 -6.90 3.49 13.26
CA VAL A 119 -7.75 2.47 13.88
C VAL A 119 -8.03 2.83 15.33
N ALA A 120 -7.03 3.24 16.09
CA ALA A 120 -7.26 3.73 17.44
C ALA A 120 -7.88 5.14 17.51
N LYS A 121 -7.42 6.09 16.70
CA LYS A 121 -7.89 7.47 16.82
C LYS A 121 -9.29 7.69 16.23
N ASN A 122 -9.61 7.00 15.13
CA ASN A 122 -10.90 7.19 14.44
C ASN A 122 -12.05 6.35 14.96
N PHE A 123 -11.72 5.25 15.63
CA PHE A 123 -12.72 4.32 16.09
C PHE A 123 -12.94 4.36 17.60
N SER A 124 -12.20 5.22 18.32
CA SER A 124 -12.13 5.13 19.80
C SER A 124 -11.53 6.39 20.41
N ASN A 125 -11.81 6.62 21.71
CA ASN A 125 -11.19 7.70 22.48
C ASN A 125 -10.02 7.20 23.34
N LEU A 126 -9.52 6.00 23.02
CA LEU A 126 -8.71 5.24 23.98
C LEU A 126 -7.34 5.85 24.15
N PHE A 127 -6.88 6.56 23.13
CA PHE A 127 -5.58 7.20 23.13
C PHE A 127 -5.69 8.74 23.15
N ASP A 128 -6.85 9.25 23.53
CA ASP A 128 -7.05 10.71 23.65
C ASP A 128 -6.58 11.21 25.01
N GLU A 129 -6.04 12.42 25.01
CA GLU A 129 -5.67 13.09 26.26
C GLU A 129 -6.73 12.93 27.34
N ASP A 130 -7.94 13.42 27.08
CA ASP A 130 -9.02 13.42 28.10
C ASP A 130 -9.92 12.16 28.09
N ASN A 133 -13.88 9.80 29.01
CA ASN A 133 -14.64 8.60 29.39
C ASN A 133 -14.64 7.56 28.25
N ASP A 134 -14.05 6.40 28.53
CA ASP A 134 -13.79 5.31 27.58
C ASP A 134 -14.94 4.99 26.58
N TYR A 135 -14.62 4.89 25.28
CA TYR A 135 -15.61 4.82 24.15
C TYR A 135 -15.08 4.23 22.81
N ILE A 136 -15.88 3.35 22.19
CA ILE A 136 -15.55 2.73 20.91
C ILE A 136 -16.73 2.95 19.96
N LEU A 137 -16.44 3.37 18.74
CA LEU A 137 -17.44 3.64 17.72
C LEU A 137 -18.39 2.44 17.54
N PRO A 138 -19.69 2.64 17.81
CA PRO A 138 -20.56 1.46 17.95
C PRO A 138 -20.57 0.51 16.73
N GLU A 139 -20.51 1.07 15.54
CA GLU A 139 -20.60 0.26 14.33
C GLU A 139 -19.34 -0.63 14.18
N PHE A 140 -18.20 -0.21 14.73
CA PHE A 140 -16.99 -1.01 14.71
C PHE A 140 -17.04 -2.02 15.88
N LYS A 141 -17.27 -1.52 17.08
CA LYS A 141 -17.42 -2.39 18.26
C LYS A 141 -18.40 -3.52 17.96
N ASN A 142 -19.56 -3.20 17.39
CA ASN A 142 -20.59 -4.24 17.16
C ASN A 142 -20.20 -5.28 16.11
N ALA A 143 -19.53 -4.87 15.05
CA ALA A 143 -19.08 -5.80 14.00
C ALA A 143 -18.07 -6.80 14.53
N VAL A 144 -17.08 -6.33 15.29
CA VAL A 144 -16.06 -7.20 15.84
C VAL A 144 -16.65 -8.19 16.88
N ARG A 145 -17.52 -7.68 17.74
CA ARG A 145 -18.24 -8.54 18.71
C ARG A 145 -19.04 -9.64 18.00
N GLU A 146 -19.62 -9.35 16.85
CA GLU A 146 -20.40 -10.34 16.12
C GLU A 146 -19.49 -11.50 15.71
N PHE A 147 -18.33 -11.18 15.17
CA PHE A 147 -17.34 -12.19 14.82
C PHE A 147 -16.95 -13.05 16.01
N TYR A 148 -16.57 -12.40 17.13
CA TYR A 148 -16.18 -13.09 18.36
C TYR A 148 -17.29 -14.02 18.88
N ASN A 149 -18.51 -13.50 18.88
CA ASN A 149 -19.65 -14.22 19.41
C ASN A 149 -20.04 -15.39 18.52
N ALA A 150 -19.69 -15.30 17.25
CA ALA A 150 -19.88 -16.42 16.33
C ALA A 150 -18.68 -17.42 16.26
N LYS A 151 -17.68 -17.32 17.14
CA LYS A 151 -16.52 -18.23 17.12
C LYS A 151 -15.73 -18.21 15.80
N LYS A 152 -15.58 -17.02 15.22
CA LYS A 152 -14.87 -16.82 13.95
C LYS A 152 -13.56 -16.10 14.25
N PRO A 153 -12.43 -16.54 13.67
CA PRO A 153 -11.12 -15.91 13.91
C PRO A 153 -11.10 -14.39 13.63
N ILE A 154 -10.50 -13.65 14.55
CA ILE A 154 -10.25 -12.23 14.39
C ILE A 154 -8.78 -12.03 14.43
N GLY A 155 -8.24 -11.43 13.35
CA GLY A 155 -6.87 -11.15 13.27
C GLY A 155 -6.65 -9.66 13.27
N ALA A 156 -5.54 -9.25 13.89
CA ALA A 156 -5.28 -7.85 14.15
C ALA A 156 -3.81 -7.58 14.10
N VAL A 157 -3.46 -6.48 13.46
CA VAL A 157 -2.07 -6.10 13.22
C VAL A 157 -1.69 -4.78 13.89
N CYS A 158 -0.47 -4.71 14.40
CA CYS A 158 0.08 -3.46 14.93
C CYS A 158 -0.66 -2.89 16.20
N ILE A 159 -1.32 -1.73 16.10
CA ILE A 159 -2.06 -1.19 17.27
C ILE A 159 -3.47 -1.86 17.42
N SER A 160 -3.93 -2.49 16.36
CA SER A 160 -5.30 -3.03 16.32
C SER A 160 -5.59 -4.05 17.43
N PRO A 161 -4.65 -4.94 17.76
CA PRO A 161 -4.90 -5.84 18.87
C PRO A 161 -5.27 -5.13 20.19
N ALA A 162 -4.72 -3.93 20.41
CA ALA A 162 -5.01 -3.18 21.63
C ALA A 162 -6.45 -2.73 21.58
N VAL A 163 -6.91 -2.34 20.40
CA VAL A 163 -8.32 -1.95 20.23
C VAL A 163 -9.25 -3.17 20.33
N VAL A 164 -8.89 -4.28 19.71
CA VAL A 164 -9.65 -5.53 19.91
C VAL A 164 -9.73 -5.92 21.41
N VAL A 165 -8.62 -5.89 22.12
CA VAL A 165 -8.65 -6.21 23.56
C VAL A 165 -9.62 -5.33 24.30
N ALA A 166 -9.60 -4.03 24.01
CA ALA A 166 -10.49 -3.06 24.69
C ALA A 166 -11.97 -3.32 24.38
N LEU A 167 -12.30 -3.58 23.12
CA LEU A 167 -13.65 -3.75 22.75
C LEU A 167 -14.28 -5.09 23.29
N LEU A 168 -13.45 -6.11 23.53
CA LEU A 168 -13.92 -7.40 24.14
C LEU A 168 -13.79 -7.45 25.65
N LYS A 169 -13.12 -6.48 26.23
CA LYS A 169 -12.78 -6.47 27.66
C LYS A 169 -13.90 -6.93 28.58
N ASP A 170 -15.09 -6.40 28.35
CA ASP A 170 -16.21 -6.71 29.17
C ASP A 170 -16.65 -8.17 29.11
N ILE A 171 -16.37 -8.87 28.00
CA ILE A 171 -16.83 -10.27 27.84
C ILE A 171 -15.72 -11.32 27.75
N ALA A 172 -14.47 -10.87 27.63
CA ALA A 172 -13.34 -11.78 27.54
C ALA A 172 -12.06 -11.02 27.88
N LYS A 173 -11.05 -11.74 28.37
CA LYS A 173 -9.71 -11.22 28.60
C LYS A 173 -8.81 -11.98 27.58
N VAL A 174 -8.52 -11.38 26.44
CA VAL A 174 -7.89 -12.12 25.33
C VAL A 174 -6.38 -11.89 25.28
N LYS A 175 -5.67 -12.88 24.71
CA LYS A 175 -4.19 -12.80 24.52
C LYS A 175 -3.84 -12.28 23.14
N VAL A 176 -3.00 -11.26 23.11
CA VAL A 176 -2.51 -10.73 21.85
C VAL A 176 -1.07 -10.35 22.02
N THR A 177 -0.40 -10.12 20.89
CA THR A 177 0.90 -9.47 20.91
C THR A 177 0.75 -8.11 20.20
N ILE A 178 1.51 -7.15 20.69
CA ILE A 178 1.84 -5.96 19.95
C ILE A 178 3.38 -5.85 19.91
N GLY A 179 4.03 -7.01 19.98
CA GLY A 179 5.48 -7.13 19.87
C GLY A 179 6.15 -7.20 21.25
N GLU A 180 6.52 -6.03 21.75
CA GLU A 180 7.06 -5.85 23.10
C GLU A 180 6.02 -5.05 23.83
N LEU A 185 0.47 -1.90 27.60
CA LEU A 185 -0.85 -1.28 27.43
C LEU A 185 -1.99 -2.31 27.32
N ILE A 186 -1.64 -3.56 27.01
CA ILE A 186 -2.61 -4.62 26.81
C ILE A 186 -3.21 -5.00 28.18
N ASP A 187 -2.40 -4.96 29.23
CA ASP A 187 -2.87 -5.08 30.60
C ASP A 187 -3.89 -3.99 30.96
N LYS A 188 -3.54 -2.74 30.70
CA LYS A 188 -4.43 -1.58 30.94
C LYS A 188 -5.77 -1.69 30.18
N MET A 189 -5.72 -2.28 28.99
CA MET A 189 -6.92 -2.37 28.14
C MET A 189 -7.78 -3.60 28.46
N GLY A 190 -7.30 -4.52 29.30
CA GLY A 190 -8.07 -5.68 29.77
C GLY A 190 -7.73 -7.01 29.11
N GLY A 191 -6.53 -7.13 28.56
CA GLY A 191 -6.11 -8.35 27.89
C GLY A 191 -4.85 -8.90 28.53
N VAL A 192 -4.23 -9.87 27.86
CA VAL A 192 -2.96 -10.45 28.27
C VAL A 192 -1.99 -10.47 27.09
N HIS A 193 -0.77 -10.01 27.33
CA HIS A 193 0.19 -9.90 26.26
C HIS A 193 1.13 -11.11 26.18
N VAL A 194 1.42 -11.53 24.95
CA VAL A 194 2.41 -12.57 24.68
C VAL A 194 3.45 -11.96 23.78
N ASP A 195 4.72 -12.08 24.16
CA ASP A 195 5.81 -11.52 23.35
C ASP A 195 6.01 -12.31 22.07
N CYS A 196 6.28 -11.56 21.01
CA CYS A 196 6.41 -12.14 19.71
C CYS A 196 7.37 -11.33 18.85
N PRO A 197 8.23 -12.04 18.10
CA PRO A 197 9.06 -11.35 17.09
C PRO A 197 8.26 -10.88 15.87
N THR A 198 8.79 -9.85 15.20
CA THR A 198 8.15 -9.24 14.05
C THR A 198 7.79 -10.31 13.03
N ILE A 199 8.66 -11.33 12.93
CA ILE A 199 8.53 -12.37 11.93
C ILE A 199 7.59 -13.53 12.29
N LYS A 200 6.95 -13.48 13.44
CA LYS A 200 6.07 -14.55 13.90
C LYS A 200 4.75 -13.91 14.27
N SER A 201 3.83 -14.72 14.73
CA SER A 201 2.52 -14.23 15.13
C SER A 201 2.06 -15.05 16.32
N VAL A 202 0.98 -14.57 16.96
CA VAL A 202 0.40 -15.15 18.17
C VAL A 202 -1.05 -15.56 17.93
N LYS A 203 -1.45 -16.64 18.59
CA LYS A 203 -2.79 -17.19 18.47
C LYS A 203 -3.29 -17.42 19.87
N ASP A 204 -4.43 -16.78 20.16
CA ASP A 204 -5.25 -17.14 21.32
C ASP A 204 -6.24 -18.20 20.85
N ASP A 205 -5.84 -19.45 21.07
CA ASP A 205 -6.52 -20.64 20.58
C ASP A 205 -7.96 -20.72 21.15
N VAL A 206 -8.11 -20.31 22.41
CA VAL A 206 -9.37 -20.28 23.15
C VAL A 206 -10.33 -19.23 22.58
N ASN A 207 -9.87 -18.00 22.46
CA ASN A 207 -10.69 -16.89 22.05
C ASN A 207 -10.67 -16.62 20.55
N ARG A 208 -9.91 -17.43 19.80
CA ARG A 208 -9.76 -17.34 18.35
C ARG A 208 -9.33 -15.94 17.92
N ILE A 209 -8.34 -15.41 18.62
CA ILE A 209 -7.75 -14.13 18.26
C ILE A 209 -6.32 -14.38 17.77
N PHE A 210 -5.94 -13.64 16.74
CA PHE A 210 -4.68 -13.86 16.08
C PHE A 210 -4.03 -12.49 15.93
N SER A 211 -2.73 -12.39 16.14
CA SER A 211 -2.12 -11.06 16.15
C SER A 211 -0.67 -11.09 15.76
N CYS A 212 -0.23 -9.96 15.20
CA CYS A 212 1.16 -9.75 14.87
C CYS A 212 1.49 -8.27 15.00
N SER A 213 2.79 -7.99 15.14
CA SER A 213 3.28 -6.75 15.71
C SER A 213 3.64 -5.75 14.62
N ALA A 214 4.21 -6.23 13.51
CA ALA A 214 4.40 -5.37 12.34
C ALA A 214 5.10 -4.05 12.69
N TYR A 215 4.49 -2.91 12.36
CA TYR A 215 5.15 -1.59 12.52
C TYR A 215 5.07 -0.99 13.95
N MET A 216 4.68 -1.82 14.91
CA MET A 216 4.94 -1.50 16.32
C MET A 216 6.45 -1.40 16.60
N ARG A 217 7.28 -1.99 15.75
CA ARG A 217 8.72 -1.76 15.81
C ARG A 217 9.14 -1.15 14.47
N ASN A 218 10.20 -0.34 14.50
CA ASN A 218 10.77 0.27 13.28
C ASN A 218 11.62 -0.77 12.53
N ASP A 219 10.98 -1.83 12.03
CA ASP A 219 11.68 -3.00 11.48
C ASP A 219 11.58 -2.94 9.95
N SER A 220 12.26 -3.84 9.22
CA SER A 220 12.26 -3.76 7.76
C SER A 220 10.91 -4.23 7.22
N LEU A 221 10.53 -3.72 6.04
CA LEU A 221 9.25 -4.07 5.45
C LEU A 221 9.09 -5.59 5.22
N TYR A 222 10.17 -6.28 4.83
CA TYR A 222 10.08 -7.72 4.63
C TYR A 222 9.90 -8.48 5.97
N ASN A 223 10.48 -7.98 7.05
CA ASN A 223 10.25 -8.61 8.35
C ASN A 223 8.79 -8.45 8.79
N VAL A 224 8.22 -7.27 8.55
CA VAL A 224 6.82 -7.00 8.92
C VAL A 224 5.95 -7.97 8.13
N TYR A 225 6.26 -8.09 6.84
CA TYR A 225 5.60 -9.07 5.99
C TYR A 225 5.65 -10.50 6.52
N LEU A 226 6.80 -10.90 7.04
CA LEU A 226 6.99 -12.27 7.49
C LEU A 226 5.99 -12.61 8.61
N GLY A 227 5.75 -11.70 9.56
CA GLY A 227 4.75 -11.88 10.63
C GLY A 227 3.29 -11.84 10.23
N ILE A 228 2.95 -10.99 9.26
CA ILE A 228 1.59 -10.94 8.70
C ILE A 228 1.35 -12.26 7.95
N GLN A 229 2.35 -12.73 7.19
CA GLN A 229 2.27 -14.03 6.54
C GLN A 229 2.01 -15.17 7.53
N ASP A 230 2.79 -15.22 8.61
CA ASP A 230 2.58 -16.22 9.62
C ASP A 230 1.16 -16.11 10.22
N MET A 231 0.73 -14.91 10.54
CA MET A 231 -0.60 -14.71 11.11
C MET A 231 -1.71 -15.28 10.19
N ILE A 232 -1.63 -14.93 8.91
CA ILE A 232 -2.68 -15.30 7.98
C ILE A 232 -2.64 -16.80 7.76
N SER A 233 -1.43 -17.36 7.63
CA SER A 233 -1.26 -18.80 7.48
C SER A 233 -1.84 -19.52 8.70
N SER A 234 -1.55 -19.03 9.92
CA SER A 234 -2.22 -19.55 11.12
C SER A 234 -3.75 -19.53 11.06
N MET A 235 -4.32 -18.41 10.66
CA MET A 235 -5.79 -18.27 10.66
C MET A 235 -6.38 -19.27 9.67
N VAL A 236 -5.76 -19.35 8.48
CA VAL A 236 -6.20 -20.27 7.45
C VAL A 236 -6.00 -21.72 7.88
N ASN A 237 -4.88 -22.01 8.56
CA ASN A 237 -4.56 -23.38 8.94
C ASN A 237 -5.52 -23.82 10.01
N TYR A 238 -5.82 -22.90 10.94
CA TYR A 238 -6.84 -23.11 11.95
C TYR A 238 -8.16 -23.54 11.32
N LEU A 239 -8.67 -22.76 10.37
CA LEU A 239 -9.90 -23.11 9.66
C LEU A 239 -9.67 -24.29 8.71
N ALA B 23 26.60 -3.29 -1.87
CA ALA B 23 25.78 -2.27 -1.15
C ALA B 23 24.83 -1.59 -2.15
N LEU B 24 23.55 -1.99 -2.18
CA LEU B 24 22.60 -1.59 -3.25
C LEU B 24 21.52 -0.65 -2.75
N ASN B 25 21.28 0.41 -3.50
CA ASN B 25 20.25 1.41 -3.22
C ASN B 25 19.40 1.70 -4.44
N SER B 26 18.09 1.91 -4.21
CA SER B 26 17.15 2.25 -5.27
C SER B 26 16.38 3.51 -4.97
N ALA B 27 16.20 4.38 -5.96
CA ALA B 27 15.25 5.47 -5.85
C ALA B 27 13.88 4.94 -6.27
N VAL B 28 12.81 5.48 -5.67
CA VAL B 28 11.43 5.15 -6.05
C VAL B 28 10.72 6.46 -6.24
N ILE B 29 10.11 6.66 -7.41
CA ILE B 29 9.42 7.90 -7.68
C ILE B 29 7.91 7.66 -7.56
N LEU B 30 7.28 8.54 -6.79
CA LEU B 30 5.87 8.46 -6.52
C LEU B 30 5.14 9.72 -7.02
N ALA B 31 3.85 9.52 -7.30
CA ALA B 31 3.04 10.56 -7.90
C ALA B 31 1.82 10.91 -7.07
N GLY B 32 1.73 10.46 -5.81
CA GLY B 32 0.58 10.70 -4.97
C GLY B 32 0.24 9.37 -4.29
N CYS B 33 -0.94 9.26 -3.73
CA CYS B 33 -1.28 8.03 -2.99
C CYS B 33 -2.66 7.56 -3.38
N GLY B 34 -2.73 6.83 -4.47
CA GLY B 34 -4.02 6.34 -5.01
C GLY B 34 -3.98 6.08 -6.50
N HIS B 35 -4.53 4.96 -6.95
CA HIS B 35 -4.45 4.61 -8.34
C HIS B 35 -5.12 5.58 -9.33
N MET B 36 -6.14 6.31 -8.89
CA MET B 36 -6.84 7.24 -9.80
C MET B 36 -6.27 8.66 -9.86
N ASP B 37 -5.41 9.04 -8.90
CA ASP B 37 -4.86 10.41 -8.92
C ASP B 37 -3.43 10.54 -8.49
N GLY B 38 -2.76 9.39 -8.35
CA GLY B 38 -1.47 9.30 -7.73
C GLY B 38 -0.78 8.03 -8.22
N SER B 39 0.07 7.49 -7.36
CA SER B 39 0.63 6.16 -7.53
C SER B 39 -0.30 5.06 -7.08
N GLU B 40 -0.28 3.96 -7.83
CA GLU B 40 -0.98 2.72 -7.47
C GLU B 40 -0.32 2.20 -6.17
N ILE B 41 -1.09 2.18 -5.13
CA ILE B 41 -0.61 1.90 -3.76
C ILE B 41 -0.10 0.47 -3.67
N ARG B 42 -0.78 -0.50 -4.29
CA ARG B 42 -0.32 -1.88 -4.19
C ARG B 42 0.99 -2.07 -4.93
N GLU B 43 1.09 -1.51 -6.12
CA GLU B 43 2.34 -1.55 -6.87
C GLU B 43 3.50 -0.91 -6.10
N ALA B 44 3.25 0.21 -5.45
CA ALA B 44 4.33 0.85 -4.68
C ALA B 44 4.71 -0.01 -3.51
N VAL B 45 3.75 -0.51 -2.73
CA VAL B 45 4.07 -1.33 -1.59
C VAL B 45 4.85 -2.57 -2.03
N LEU B 46 4.41 -3.20 -3.14
CA LEU B 46 5.03 -4.47 -3.58
C LEU B 46 6.46 -4.25 -4.13
N VAL B 47 6.66 -3.11 -4.79
CA VAL B 47 7.99 -2.67 -5.22
C VAL B 47 8.91 -2.51 -3.97
N MET B 48 8.44 -1.84 -2.93
CA MET B 48 9.23 -1.66 -1.71
C MET B 48 9.49 -2.96 -0.96
N LEU B 49 8.49 -3.86 -0.92
CA LEU B 49 8.65 -5.20 -0.30
C LEU B 49 9.74 -6.00 -1.00
N GLU B 50 9.67 -6.11 -2.31
CA GLU B 50 10.68 -6.83 -3.10
C GLU B 50 12.07 -6.20 -3.14
N LEU B 51 12.16 -4.87 -3.17
CA LEU B 51 13.47 -4.25 -2.95
C LEU B 51 14.02 -4.70 -1.62
N ASP B 52 13.22 -4.61 -0.57
CA ASP B 52 13.68 -4.97 0.78
C ASP B 52 14.02 -6.47 0.90
N ARG B 53 13.25 -7.32 0.21
CA ARG B 53 13.53 -8.75 0.21
C ARG B 53 14.91 -9.05 -0.34
N HIS B 54 15.39 -8.18 -1.25
CA HIS B 54 16.69 -8.27 -1.90
C HIS B 54 17.77 -7.46 -1.21
N ASN B 55 17.50 -7.01 0.03
CA ASN B 55 18.44 -6.13 0.79
C ASN B 55 18.87 -4.90 0.00
N VAL B 56 17.93 -4.35 -0.77
CA VAL B 56 18.16 -3.11 -1.50
C VAL B 56 17.48 -2.01 -0.71
N ASN B 57 18.27 -1.10 -0.17
CA ASN B 57 17.70 0.00 0.60
C ASN B 57 17.05 0.96 -0.39
N PHE B 58 16.08 1.74 0.03
CA PHE B 58 15.50 2.67 -0.92
C PHE B 58 15.12 3.99 -0.32
N LYS B 59 14.89 4.95 -1.22
CA LYS B 59 14.44 6.30 -0.86
C LYS B 59 13.40 6.75 -1.85
N CYS B 60 12.35 7.32 -1.31
CA CYS B 60 11.23 7.74 -2.08
C CYS B 60 11.39 9.21 -2.38
N PHE B 61 10.97 9.57 -3.60
CA PHE B 61 11.02 10.94 -4.09
C PHE B 61 9.74 11.29 -4.78
N ALA B 62 9.33 12.54 -4.69
CA ALA B 62 8.19 13.03 -5.41
C ALA B 62 8.33 14.56 -5.63
N PRO B 63 7.64 15.08 -6.64
CA PRO B 63 7.70 16.49 -6.93
C PRO B 63 6.81 17.26 -5.99
N ASN B 64 7.26 18.44 -5.57
CA ASN B 64 6.50 19.29 -4.65
C ASN B 64 5.54 20.17 -5.47
N LYS B 65 4.48 19.53 -6.00
CA LYS B 65 3.53 20.20 -6.89
C LYS B 65 2.15 19.68 -6.56
N ASN B 66 1.11 20.43 -6.91
CA ASN B 66 -0.26 19.92 -6.76
C ASN B 66 -0.56 18.76 -7.75
N GLN B 67 -1.36 17.78 -7.32
CA GLN B 67 -1.89 16.77 -8.24
C GLN B 67 -2.73 17.48 -9.29
N LYS B 68 -2.73 16.97 -10.53
CA LYS B 68 -3.65 17.54 -11.58
C LYS B 68 -5.12 17.43 -11.12
N GLN B 69 -5.49 16.31 -10.51
CA GLN B 69 -6.85 16.12 -9.96
C GLN B 69 -6.77 15.47 -8.56
N VAL B 70 -7.85 15.60 -7.80
CA VAL B 70 -8.08 14.72 -6.67
C VAL B 70 -9.31 13.90 -7.01
N VAL B 71 -9.26 12.60 -6.79
CA VAL B 71 -10.39 11.76 -7.08
C VAL B 71 -10.88 11.01 -5.81
N ASP B 72 -12.20 11.07 -5.61
CA ASP B 72 -12.89 10.24 -4.66
C ASP B 72 -12.91 8.81 -5.22
N HIS B 73 -12.15 7.91 -4.61
CA HIS B 73 -11.98 6.56 -5.16
C HIS B 73 -13.19 5.61 -4.88
N LYS B 74 -14.09 6.05 -4.06
CA LYS B 74 -15.36 5.30 -3.84
C LYS B 74 -16.37 5.67 -4.94
N LYS B 75 -16.61 6.97 -5.14
CA LYS B 75 -17.52 7.40 -6.21
C LYS B 75 -16.84 7.27 -7.56
N LYS B 76 -15.51 7.22 -7.57
CA LYS B 76 -14.75 7.28 -8.80
C LYS B 76 -15.06 8.55 -9.62
N GLU B 77 -15.02 9.70 -8.97
CA GLU B 77 -15.31 11.00 -9.63
C GLU B 77 -14.25 11.96 -9.17
N SER B 78 -13.82 12.90 -10.04
CA SER B 78 -12.91 13.93 -9.57
C SER B 78 -13.68 14.85 -8.64
N VAL B 79 -12.97 15.49 -7.73
CA VAL B 79 -13.62 16.41 -6.81
C VAL B 79 -12.91 17.73 -6.76
N GLY B 80 -13.64 18.74 -6.30
CA GLY B 80 -13.06 20.06 -6.11
C GLY B 80 -12.44 20.10 -4.74
N GLU B 81 -11.20 19.60 -4.67
CA GLU B 81 -10.31 19.63 -3.52
C GLU B 81 -8.87 19.56 -4.12
N VAL B 82 -7.86 20.11 -3.44
CA VAL B 82 -6.48 20.13 -3.98
C VAL B 82 -5.53 19.37 -3.04
N ARG B 83 -4.67 18.54 -3.60
CA ARG B 83 -3.65 17.78 -2.84
C ARG B 83 -2.29 17.89 -3.47
N ASN B 84 -1.28 17.98 -2.63
CA ASN B 84 0.11 18.05 -3.01
C ASN B 84 0.68 16.63 -3.14
N ILE B 85 1.27 16.38 -4.31
CA ILE B 85 1.87 15.12 -4.66
C ILE B 85 2.86 14.61 -3.63
N LEU B 86 3.70 15.50 -3.13
CA LEU B 86 4.73 15.11 -2.16
C LEU B 86 4.14 14.80 -0.78
N VAL B 87 3.25 15.65 -0.29
CA VAL B 87 2.54 15.40 0.98
C VAL B 87 1.80 14.08 0.93
N GLU B 88 1.06 13.85 -0.14
CA GLU B 88 0.35 12.56 -0.27
C GLU B 88 1.25 11.32 -0.45
N SER B 89 2.32 11.44 -1.23
CA SER B 89 3.29 10.39 -1.36
C SER B 89 3.91 10.00 -0.03
N ALA B 90 4.04 10.95 0.90
CA ALA B 90 4.54 10.63 2.24
C ALA B 90 3.70 9.56 2.97
N ARG B 91 2.43 9.37 2.57
CA ARG B 91 1.62 8.27 3.11
C ARG B 91 2.23 6.95 2.74
N ILE B 92 2.51 6.72 1.48
CA ILE B 92 3.09 5.50 1.01
C ILE B 92 4.49 5.32 1.59
N ALA B 93 5.23 6.43 1.68
CA ALA B 93 6.60 6.40 2.18
C ALA B 93 6.70 6.38 3.69
N ARG B 94 5.57 6.35 4.42
CA ARG B 94 5.59 6.46 5.89
C ARG B 94 6.48 7.65 6.32
N GLY B 95 6.38 8.76 5.58
CA GLY B 95 7.04 10.01 5.97
C GLY B 95 8.38 10.20 5.30
N SER B 96 9.00 9.14 4.80
CA SER B 96 10.37 9.25 4.34
C SER B 96 10.34 9.50 2.87
N VAL B 97 9.84 10.66 2.47
CA VAL B 97 9.78 11.02 1.06
C VAL B 97 10.48 12.37 0.92
N TYR B 98 11.23 12.51 -0.17
CA TYR B 98 12.10 13.65 -0.38
C TYR B 98 11.68 14.37 -1.65
N ASP B 99 11.89 15.67 -1.72
CA ASP B 99 11.62 16.43 -2.93
C ASP B 99 12.50 15.89 -4.05
N ILE B 100 11.89 15.67 -5.22
CA ILE B 100 12.58 15.04 -6.34
C ILE B 100 13.65 15.97 -6.88
N GLU B 101 13.52 17.25 -6.63
CA GLU B 101 14.56 18.19 -7.07
C GLU B 101 15.85 17.95 -6.26
N GLN B 102 15.74 17.24 -5.12
CA GLN B 102 16.87 16.91 -4.23
C GLN B 102 17.63 15.60 -4.56
N ILE B 103 17.17 14.84 -5.56
CA ILE B 103 17.76 13.54 -5.86
C ILE B 103 19.20 13.68 -6.33
N ARG B 104 20.06 12.85 -5.76
CA ARG B 104 21.47 12.75 -6.13
C ARG B 104 21.65 11.35 -6.72
N VAL B 105 21.71 11.27 -8.05
CA VAL B 105 21.57 9.99 -8.76
C VAL B 105 22.78 9.07 -8.49
N GLU B 106 23.95 9.69 -8.28
CA GLU B 106 25.17 8.97 -7.89
C GLU B 106 25.00 8.16 -6.59
N GLU B 107 24.04 8.51 -5.74
CA GLU B 107 23.81 7.75 -4.48
C GLU B 107 23.03 6.46 -4.69
N PHE B 108 22.51 6.25 -5.91
CA PHE B 108 21.69 5.09 -6.22
C PHE B 108 22.28 4.24 -7.35
N ASP B 109 21.90 2.96 -7.33
CA ASP B 109 22.20 2.00 -8.39
C ASP B 109 21.11 1.82 -9.44
N MET B 110 19.86 2.19 -9.09
CA MET B 110 18.70 1.92 -9.92
C MET B 110 17.53 2.84 -9.49
N LEU B 111 16.48 2.82 -10.30
CA LEU B 111 15.27 3.62 -10.14
C LEU B 111 14.11 2.72 -10.42
N VAL B 112 13.07 2.77 -9.57
CA VAL B 112 11.79 2.11 -9.86
C VAL B 112 10.67 3.15 -9.81
N ILE B 113 9.79 3.07 -10.82
CA ILE B 113 8.63 3.90 -10.93
C ILE B 113 7.36 3.04 -10.90
N PRO B 114 6.70 2.94 -9.74
CA PRO B 114 5.39 2.28 -9.73
C PRO B 114 4.42 2.96 -10.68
N GLY B 115 3.31 2.31 -11.03
CA GLY B 115 2.36 2.94 -11.92
C GLY B 115 1.32 3.72 -11.13
N GLY B 116 0.18 3.88 -11.78
CA GLY B 116 -0.96 4.60 -11.24
C GLY B 116 -1.24 5.71 -12.22
N TYR B 117 -2.51 6.10 -12.30
CA TYR B 117 -2.99 7.08 -13.25
C TYR B 117 -2.33 8.39 -13.00
N GLY B 118 -1.95 8.65 -11.76
CA GLY B 118 -1.22 9.88 -11.42
C GLY B 118 0.14 10.06 -12.05
N VAL B 119 0.83 8.96 -12.31
CA VAL B 119 2.08 9.04 -12.98
C VAL B 119 1.85 9.63 -14.34
N ALA B 120 0.88 9.10 -15.09
CA ALA B 120 0.58 9.63 -16.43
C ALA B 120 0.00 11.06 -16.37
N LYS B 121 -0.92 11.31 -15.44
CA LYS B 121 -1.65 12.57 -15.36
C LYS B 121 -0.80 13.66 -14.72
N ASN B 122 -0.04 13.30 -13.70
CA ASN B 122 0.76 14.30 -12.97
C ASN B 122 2.13 14.60 -13.56
N PHE B 123 2.72 13.66 -14.29
CA PHE B 123 4.06 13.84 -14.80
C PHE B 123 4.10 14.08 -16.30
N SER B 124 2.93 14.04 -16.95
CA SER B 124 2.87 14.20 -18.40
C SER B 124 1.58 14.86 -18.87
N ASN B 125 1.53 15.28 -20.14
CA ASN B 125 0.25 15.61 -20.75
C ASN B 125 -0.18 14.51 -21.74
N LEU B 126 0.54 13.39 -21.71
CA LEU B 126 0.45 12.39 -22.77
C LEU B 126 -0.89 11.66 -22.80
N PHE B 127 -1.76 11.92 -21.82
CA PHE B 127 -3.12 11.36 -21.79
C PHE B 127 -4.20 12.40 -21.42
N ASP B 128 -3.97 13.68 -21.73
CA ASP B 128 -4.87 14.76 -21.29
C ASP B 128 -6.13 14.99 -22.17
N ASP B 134 3.35 16.05 -26.84
CA ASP B 134 4.22 15.38 -25.88
C ASP B 134 4.97 16.41 -24.97
N TYR B 135 4.60 16.43 -23.70
CA TYR B 135 5.30 17.18 -22.64
C TYR B 135 5.48 16.24 -21.42
N ILE B 136 6.59 16.39 -20.69
CA ILE B 136 6.87 15.58 -19.51
C ILE B 136 7.43 16.53 -18.45
N LEU B 137 6.88 16.44 -17.25
CA LEU B 137 7.30 17.29 -16.14
C LEU B 137 8.81 17.32 -16.08
N PRO B 138 9.43 18.51 -16.22
CA PRO B 138 10.89 18.53 -16.37
C PRO B 138 11.71 17.86 -15.27
N GLU B 139 11.37 18.11 -14.01
CA GLU B 139 12.10 17.56 -12.88
C GLU B 139 12.09 16.01 -12.96
N PHE B 140 11.00 15.41 -13.47
CA PHE B 140 10.84 13.94 -13.65
C PHE B 140 11.64 13.42 -14.87
N LYS B 141 11.45 14.07 -16.02
CA LYS B 141 12.23 13.72 -17.23
C LYS B 141 13.70 13.76 -16.91
N ASN B 142 14.15 14.83 -16.25
CA ASN B 142 15.59 15.01 -15.98
C ASN B 142 16.13 13.95 -15.06
N ALA B 143 15.35 13.60 -14.05
CA ALA B 143 15.71 12.54 -13.13
C ALA B 143 15.86 11.20 -13.82
N VAL B 144 14.85 10.81 -14.61
CA VAL B 144 14.90 9.54 -15.31
C VAL B 144 16.03 9.55 -16.37
N ARG B 145 16.20 10.66 -17.12
CA ARG B 145 17.33 10.77 -18.06
C ARG B 145 18.68 10.66 -17.33
N GLU B 146 18.79 11.19 -16.09
CA GLU B 146 20.06 11.08 -15.37
C GLU B 146 20.38 9.63 -15.05
N PHE B 147 19.38 8.88 -14.63
CA PHE B 147 19.54 7.44 -14.39
C PHE B 147 19.91 6.76 -15.72
N TYR B 148 19.17 7.08 -16.77
CA TYR B 148 19.43 6.45 -18.07
C TYR B 148 20.81 6.77 -18.59
N ASN B 149 21.19 8.05 -18.52
CA ASN B 149 22.53 8.42 -19.04
C ASN B 149 23.68 7.87 -18.17
N ALA B 150 23.45 7.62 -16.88
CA ALA B 150 24.41 6.94 -16.02
C ALA B 150 24.35 5.40 -16.11
N LYS B 151 23.59 4.81 -17.03
CA LYS B 151 23.59 3.35 -17.28
C LYS B 151 23.09 2.54 -16.08
N LYS B 152 22.09 3.12 -15.39
CA LYS B 152 21.50 2.54 -14.19
C LYS B 152 20.10 2.04 -14.53
N PRO B 153 19.80 0.79 -14.11
CA PRO B 153 18.55 0.17 -14.47
C PRO B 153 17.37 0.98 -13.98
N ILE B 154 16.37 1.10 -14.83
CA ILE B 154 15.14 1.78 -14.54
C ILE B 154 14.01 0.74 -14.69
N GLY B 155 13.23 0.57 -13.62
CA GLY B 155 12.06 -0.30 -13.62
C GLY B 155 10.77 0.51 -13.63
N ALA B 156 9.74 0.02 -14.33
CA ALA B 156 8.51 0.78 -14.53
C ALA B 156 7.32 -0.19 -14.55
N VAL B 157 6.28 0.14 -13.81
CA VAL B 157 5.15 -0.74 -13.62
C VAL B 157 3.88 -0.08 -14.16
N CYS B 158 3.06 -0.90 -14.78
CA CYS B 158 1.75 -0.53 -15.25
C CYS B 158 1.78 0.50 -16.42
N ILE B 159 1.31 1.72 -16.24
CA ILE B 159 1.42 2.70 -17.33
C ILE B 159 2.79 3.39 -17.39
N SER B 160 3.55 3.28 -16.32
CA SER B 160 4.86 3.97 -16.26
C SER B 160 5.80 3.62 -17.44
N PRO B 161 5.73 2.39 -17.97
CA PRO B 161 6.62 2.10 -19.10
C PRO B 161 6.38 3.00 -20.30
N ALA B 162 5.12 3.39 -20.53
CA ALA B 162 4.74 4.27 -21.63
C ALA B 162 5.35 5.64 -21.44
N VAL B 163 5.31 6.14 -20.20
CA VAL B 163 5.91 7.41 -19.90
C VAL B 163 7.43 7.40 -20.06
N VAL B 164 8.06 6.29 -19.67
CA VAL B 164 9.50 6.11 -19.83
C VAL B 164 9.87 6.09 -21.30
N VAL B 165 9.12 5.35 -22.11
CA VAL B 165 9.36 5.30 -23.55
C VAL B 165 9.35 6.71 -24.12
N ALA B 166 8.32 7.47 -23.76
CA ALA B 166 8.11 8.82 -24.29
C ALA B 166 9.26 9.77 -23.89
N LEU B 167 9.63 9.77 -22.62
CA LEU B 167 10.64 10.65 -22.18
C LEU B 167 12.04 10.28 -22.75
N LEU B 168 12.26 9.02 -23.11
CA LEU B 168 13.54 8.60 -23.74
C LEU B 168 13.58 8.64 -25.31
N LYS B 169 12.44 8.90 -25.94
CA LYS B 169 12.27 8.63 -27.37
C LYS B 169 13.21 9.38 -28.30
N ASP B 170 13.68 10.55 -27.88
CA ASP B 170 14.62 11.31 -28.71
C ASP B 170 16.03 10.77 -28.67
N ILE B 171 16.37 9.99 -27.67
CA ILE B 171 17.70 9.44 -27.53
C ILE B 171 17.76 7.91 -27.55
N ALA B 172 16.61 7.23 -27.44
CA ALA B 172 16.58 5.80 -27.46
C ALA B 172 15.20 5.23 -27.89
N LYS B 173 15.19 4.04 -28.45
CA LYS B 173 13.95 3.33 -28.79
C LYS B 173 13.89 2.12 -27.86
N VAL B 174 13.18 2.21 -26.72
CA VAL B 174 13.32 1.16 -25.71
C VAL B 174 12.15 0.19 -25.76
N LYS B 175 12.40 -0.99 -25.23
CA LYS B 175 11.48 -2.09 -25.33
C LYS B 175 10.86 -2.32 -23.97
N VAL B 176 9.54 -2.33 -23.92
CA VAL B 176 8.78 -2.53 -22.65
C VAL B 176 7.49 -3.31 -22.86
N THR B 177 6.89 -3.80 -21.77
CA THR B 177 5.47 -4.26 -21.82
C THR B 177 4.53 -3.33 -21.03
N ILE B 178 3.31 -3.15 -21.52
CA ILE B 178 2.17 -2.68 -20.73
C ILE B 178 1.03 -3.74 -20.67
N GLY B 179 1.39 -4.99 -20.94
CA GLY B 179 0.44 -6.11 -20.95
C GLY B 179 0.11 -6.46 -22.37
N GLU B 180 -0.91 -5.79 -22.89
CA GLU B 180 -1.33 -5.89 -24.27
C GLU B 180 -1.45 -4.44 -24.73
N ASP B 181 -1.13 -4.16 -25.99
CA ASP B 181 -1.18 -2.78 -26.48
C ASP B 181 -1.87 -2.81 -27.86
N SER B 182 -3.16 -3.16 -27.89
CA SER B 182 -3.92 -3.21 -29.15
C SER B 182 -3.97 -1.85 -29.85
N ASN B 183 -3.86 -0.75 -29.10
CA ASN B 183 -3.92 0.60 -29.68
C ASN B 183 -2.59 1.10 -30.27
N GLY B 184 -1.49 0.39 -30.02
CA GLY B 184 -0.16 0.78 -30.57
C GLY B 184 0.42 2.00 -29.86
N LEU B 185 0.13 2.14 -28.57
CA LEU B 185 0.62 3.25 -27.77
C LEU B 185 2.16 3.32 -27.72
N ILE B 186 2.82 2.19 -27.45
CA ILE B 186 4.26 2.20 -27.23
C ILE B 186 4.92 2.55 -28.58
N ASP B 187 4.46 1.94 -29.65
CA ASP B 187 4.97 2.24 -30.98
C ASP B 187 4.84 3.75 -31.27
N LYS B 188 3.66 4.32 -31.04
CA LYS B 188 3.43 5.76 -31.22
C LYS B 188 4.32 6.63 -30.32
N MET B 189 4.67 6.13 -29.15
CA MET B 189 5.48 6.91 -28.21
C MET B 189 6.98 6.78 -28.52
N GLY B 190 7.32 5.92 -29.46
CA GLY B 190 8.69 5.80 -29.97
C GLY B 190 9.47 4.60 -29.47
N GLY B 191 8.78 3.60 -28.92
CA GLY B 191 9.41 2.38 -28.42
C GLY B 191 8.94 1.13 -29.14
N VAL B 192 9.19 -0.01 -28.49
CA VAL B 192 8.82 -1.33 -28.98
C VAL B 192 8.07 -2.07 -27.88
N HIS B 193 6.88 -2.60 -28.21
CA HIS B 193 6.10 -3.30 -27.18
C HIS B 193 6.28 -4.82 -27.27
N VAL B 194 6.31 -5.46 -26.12
CA VAL B 194 6.41 -6.91 -26.03
C VAL B 194 5.21 -7.32 -25.22
N ASP B 195 4.41 -8.25 -25.74
CA ASP B 195 3.23 -8.68 -25.01
C ASP B 195 3.73 -9.51 -23.82
N CYS B 196 3.11 -9.36 -22.64
CA CYS B 196 3.62 -10.05 -21.45
C CYS B 196 2.51 -10.38 -20.43
N PRO B 197 2.51 -11.59 -19.87
CA PRO B 197 1.47 -11.85 -18.88
C PRO B 197 1.73 -11.09 -17.58
N THR B 198 0.66 -10.89 -16.83
CA THR B 198 0.70 -10.24 -15.55
C THR B 198 1.78 -10.81 -14.65
N ILE B 199 1.96 -12.14 -14.67
CA ILE B 199 2.90 -12.77 -13.75
C ILE B 199 4.37 -12.71 -14.14
N LYS B 200 4.71 -12.21 -15.34
CA LYS B 200 6.10 -12.13 -15.78
C LYS B 200 6.46 -10.66 -15.98
N SER B 201 7.68 -10.41 -16.41
CA SER B 201 8.17 -9.04 -16.70
C SER B 201 9.05 -9.06 -17.98
N VAL B 202 9.40 -7.87 -18.48
CA VAL B 202 10.24 -7.68 -19.68
C VAL B 202 11.49 -6.90 -19.31
N LYS B 203 12.61 -7.35 -19.89
CA LYS B 203 13.95 -6.75 -19.76
C LYS B 203 14.42 -6.24 -21.11
N ASP B 204 14.75 -4.94 -21.20
CA ASP B 204 15.50 -4.39 -22.32
C ASP B 204 16.92 -4.32 -21.84
N ASP B 205 17.68 -5.34 -22.20
CA ASP B 205 19.04 -5.52 -21.73
C ASP B 205 20.06 -4.58 -22.43
N VAL B 206 19.67 -3.92 -23.52
CA VAL B 206 20.52 -2.86 -24.12
C VAL B 206 20.38 -1.52 -23.36
N ASN B 207 19.13 -1.13 -23.07
CA ASN B 207 18.83 0.19 -22.52
C ASN B 207 18.63 0.17 -21.02
N ARG B 208 18.68 -1.04 -20.47
CA ARG B 208 18.53 -1.24 -19.01
C ARG B 208 17.20 -0.71 -18.52
N ILE B 209 16.15 -1.08 -19.24
CA ILE B 209 14.80 -0.74 -18.86
C ILE B 209 14.03 -2.04 -18.57
N PHE B 210 13.33 -2.09 -17.43
CA PHE B 210 12.65 -3.28 -16.96
C PHE B 210 11.17 -2.92 -16.65
N SER B 211 10.22 -3.80 -16.99
CA SER B 211 8.80 -3.45 -16.93
C SER B 211 7.91 -4.62 -16.63
N CYS B 212 6.77 -4.30 -16.03
CA CYS B 212 5.73 -5.28 -15.84
C CYS B 212 4.37 -4.62 -15.86
N SER B 213 3.34 -5.41 -16.16
CA SER B 213 2.02 -4.86 -16.51
C SER B 213 1.08 -4.62 -15.33
N ALA B 214 1.14 -5.44 -14.29
CA ALA B 214 0.43 -5.17 -13.01
C ALA B 214 -1.03 -4.79 -13.30
N TYR B 215 -1.49 -3.64 -12.81
CA TYR B 215 -2.92 -3.35 -12.91
C TYR B 215 -3.38 -2.75 -14.25
N MET B 216 -2.58 -2.85 -15.33
CA MET B 216 -3.12 -2.65 -16.69
C MET B 216 -4.25 -3.64 -17.05
N ARG B 217 -4.30 -4.75 -16.31
CA ARG B 217 -5.38 -5.72 -16.36
C ARG B 217 -6.04 -5.86 -14.99
N ASN B 218 -7.29 -6.31 -15.03
CA ASN B 218 -8.13 -6.42 -13.83
C ASN B 218 -7.89 -7.80 -13.21
N ASP B 219 -6.69 -7.97 -12.69
CA ASP B 219 -6.17 -9.26 -12.28
C ASP B 219 -6.08 -9.28 -10.74
N SER B 220 -5.72 -10.42 -10.19
CA SER B 220 -5.62 -10.56 -8.73
C SER B 220 -4.33 -9.93 -8.21
N LEU B 221 -4.34 -9.54 -6.95
CA LEU B 221 -3.17 -8.93 -6.32
C LEU B 221 -2.00 -9.89 -6.31
N TYR B 222 -2.27 -11.18 -6.09
CA TYR B 222 -1.15 -12.13 -6.03
C TYR B 222 -0.45 -12.21 -7.40
N ASN B 223 -1.21 -12.21 -8.50
CA ASN B 223 -0.60 -12.24 -9.84
C ASN B 223 0.14 -10.99 -10.17
N VAL B 224 -0.44 -9.85 -9.82
CA VAL B 224 0.25 -8.59 -9.93
C VAL B 224 1.62 -8.66 -9.23
N TYR B 225 1.65 -9.23 -8.03
CA TYR B 225 2.89 -9.34 -7.25
C TYR B 225 3.95 -10.22 -7.92
N LEU B 226 3.50 -11.29 -8.59
CA LEU B 226 4.43 -12.19 -9.26
C LEU B 226 5.20 -11.45 -10.34
N GLY B 227 4.51 -10.58 -11.07
CA GLY B 227 5.16 -9.80 -12.09
C GLY B 227 6.15 -8.79 -11.53
N ILE B 228 5.80 -8.10 -10.45
CA ILE B 228 6.70 -7.13 -9.81
C ILE B 228 7.91 -7.82 -9.21
N GLN B 229 7.69 -8.98 -8.63
CA GLN B 229 8.78 -9.78 -8.08
C GLN B 229 9.80 -10.15 -9.19
N ASP B 230 9.30 -10.51 -10.37
CA ASP B 230 10.20 -10.85 -11.48
C ASP B 230 10.99 -9.64 -12.00
N MET B 231 10.34 -8.48 -12.02
CA MET B 231 10.98 -7.29 -12.48
C MET B 231 12.16 -6.89 -11.58
N ILE B 232 11.93 -6.83 -10.27
CA ILE B 232 12.93 -6.40 -9.31
C ILE B 232 14.07 -7.42 -9.26
N SER B 233 13.74 -8.71 -9.22
CA SER B 233 14.74 -9.77 -9.40
C SER B 233 15.65 -9.49 -10.60
N SER B 234 15.04 -9.25 -11.75
CA SER B 234 15.79 -9.07 -13.00
C SER B 234 16.70 -7.86 -12.91
N MET B 235 16.21 -6.80 -12.30
CA MET B 235 17.05 -5.61 -12.09
C MET B 235 18.24 -5.93 -11.18
N VAL B 236 17.95 -6.58 -10.06
CA VAL B 236 19.00 -6.97 -9.13
C VAL B 236 20.04 -7.95 -9.76
N ASN B 237 19.57 -8.92 -10.56
CA ASN B 237 20.48 -9.88 -11.17
C ASN B 237 21.34 -9.17 -12.20
N TYR B 238 20.75 -8.18 -12.86
CA TYR B 238 21.51 -7.39 -13.79
C TYR B 238 22.69 -6.68 -13.11
N LEU B 239 22.49 -6.20 -11.88
CA LEU B 239 23.57 -5.55 -11.12
C LEU B 239 24.48 -6.55 -10.33
N LYS B 240 24.75 -7.72 -10.90
CA LYS B 240 25.37 -8.82 -10.13
C LYS B 240 25.80 -10.01 -10.99
#